data_6GO1
#
_entry.id   6GO1
#
_cell.length_a   41.723
_cell.length_b   211.795
_cell.length_c   46.784
_cell.angle_alpha   90.000
_cell.angle_beta   91.820
_cell.angle_gamma   90.000
#
_symmetry.space_group_name_H-M   'P 1 21 1'
#
loop_
_entity.id
_entity.type
_entity.pdbx_description
1 polymer 'Polysaccharide deacetylase-like protein'
2 non-polymer 'ZINC ION'
3 non-polymer 'ACETATE ION'
4 non-polymer 1,2-ETHANEDIOL
5 non-polymer 'SULFATE ION'
6 water water
#
_entity_poly.entity_id   1
_entity_poly.type   'polypeptide(L)'
_entity_poly.pdbx_seq_one_letter_code
;TQGVITWDPYEYNAQNTTLYTKDLRDSFKEVRYNIWRTADGPESKQTFTSQEKDRDFALPLHLKTFHLKRGEFQIETVGI
KEDNTETNLVTSKITFQQHVPVLMYHAIEKFPGPSDGDYGLYVPPEQFEKHMQYLKDNGYTMLTFERWNDINRVNKPIFI
TMDDGRKNNMNALHILQKLKDDTFQPAATEFLTANEIDKPNRLSTDDIKQMMDSGIFSIQSHTANHTMMAHSNNYDEELR
GSKEKIEALTGKKVIALAYPVGSYNDPAVEETKKYYEFAVTTDHGNHITKGMPNEQYLIKRHFVGPNTSMEKFISLIK
;
_entity_poly.pdbx_strand_id   A,B
#
# COMPACT_ATOMS: atom_id res chain seq x y z
N THR A 1 18.29 43.17 26.81
CA THR A 1 16.94 43.34 27.33
C THR A 1 16.24 44.43 26.53
N GLN A 2 16.68 44.66 25.29
CA GLN A 2 16.17 45.72 24.43
C GLN A 2 16.04 45.24 22.98
N GLY A 3 14.84 45.40 22.39
CA GLY A 3 14.62 45.08 20.99
C GLY A 3 14.16 43.65 20.73
N VAL A 4 14.00 43.32 19.44
CA VAL A 4 13.52 42.00 19.05
C VAL A 4 14.08 41.60 17.69
N ILE A 5 14.34 40.30 17.54
CA ILE A 5 14.98 39.76 16.34
C ILE A 5 13.92 39.14 15.47
N THR A 6 13.85 39.60 14.24
CA THR A 6 12.94 39.04 13.26
C THR A 6 13.76 38.58 12.08
N TRP A 7 13.12 37.89 11.15
CA TRP A 7 13.83 37.40 9.98
C TRP A 7 12.87 37.36 8.80
N ASP A 8 13.41 37.03 7.62
CA ASP A 8 12.61 36.86 6.41
C ASP A 8 11.99 35.46 6.43
N PRO A 9 10.71 35.32 6.08
CA PRO A 9 10.13 33.99 6.00
C PRO A 9 10.94 33.10 5.06
N TYR A 10 11.02 31.83 5.42
CA TYR A 10 11.73 30.85 4.63
C TYR A 10 10.90 29.58 4.55
N GLU A 11 11.18 28.76 3.57
CA GLU A 11 10.48 27.50 3.57
C GLU A 11 11.32 26.45 4.29
N TYR A 12 10.64 25.36 4.71
CA TYR A 12 11.24 24.43 5.66
C TYR A 12 12.62 23.96 5.22
N ASN A 13 12.80 23.74 3.91
CA ASN A 13 14.03 23.22 3.35
C ASN A 13 14.98 24.30 2.88
N ALA A 14 14.64 25.57 3.12
CA ALA A 14 15.51 26.67 2.73
C ALA A 14 16.82 26.60 3.51
N GLN A 15 17.86 27.19 2.92
CA GLN A 15 19.18 27.24 3.53
C GLN A 15 19.59 28.65 3.91
N ASN A 16 18.74 29.64 3.66
CA ASN A 16 19.10 31.03 3.88
C ASN A 16 17.90 31.84 4.33
N THR A 17 18.21 32.94 4.98
CA THR A 17 17.30 33.94 5.48
C THR A 17 18.06 35.24 5.68
N THR A 18 17.33 36.33 5.73
CA THR A 18 17.87 37.59 6.20
C THR A 18 17.19 37.93 7.51
N LEU A 19 17.97 37.95 8.58
CA LEU A 19 17.44 38.34 9.89
C LEU A 19 17.92 39.74 10.24
N TYR A 20 17.03 40.50 10.86
CA TYR A 20 17.32 41.89 11.19
C TYR A 20 16.80 42.18 12.60
N THR A 21 17.47 43.11 13.29
CA THR A 21 17.11 43.54 14.64
C THR A 21 16.26 44.81 14.61
N LYS A 22 15.29 44.86 15.51
CA LYS A 22 14.28 45.90 15.49
C LYS A 22 13.96 46.39 16.90
N ASP A 23 13.37 47.60 16.94
CA ASP A 23 12.72 48.20 18.12
C ASP A 23 13.70 48.58 19.24
N LEU A 24 14.87 49.14 18.88
CA LEU A 24 15.80 49.65 19.86
C LEU A 24 15.57 51.14 20.09
N ARG A 25 15.41 51.55 21.36
CA ARG A 25 15.24 52.96 21.67
C ARG A 25 16.51 53.73 21.36
N ASP A 26 17.66 53.18 21.74
CA ASP A 26 18.91 53.86 21.45
C ASP A 26 19.22 53.72 19.96
N SER A 27 20.10 54.59 19.47
CA SER A 27 20.50 54.57 18.07
C SER A 27 21.91 54.03 17.94
N PHE A 28 22.07 53.04 17.06
CA PHE A 28 23.33 52.30 16.92
C PHE A 28 23.85 52.38 15.49
N LYS A 29 25.19 52.36 15.38
CA LYS A 29 25.86 52.35 14.08
C LYS A 29 26.03 50.93 13.55
N GLU A 30 26.02 49.93 14.41
CA GLU A 30 26.19 48.55 13.96
C GLU A 30 25.65 47.61 15.02
N VAL A 31 25.31 46.40 14.59
CA VAL A 31 24.88 45.33 15.48
C VAL A 31 25.74 44.10 15.21
N ARG A 32 26.18 43.45 16.27
CA ARG A 32 26.94 42.22 16.17
C ARG A 32 26.02 41.05 16.50
N TYR A 33 26.02 40.05 15.62
CA TYR A 33 25.25 38.82 15.81
C TYR A 33 26.19 37.70 16.22
N ASN A 34 25.90 37.08 17.36
CA ASN A 34 26.63 35.91 17.79
C ASN A 34 25.66 34.74 17.66
N ILE A 35 25.98 33.82 16.76
CA ILE A 35 25.09 32.75 16.35
C ILE A 35 25.81 31.44 16.56
N TRP A 36 25.09 30.43 17.07
CA TRP A 36 25.68 29.11 17.22
C TRP A 36 24.59 28.04 17.21
N ARG A 37 25.00 26.82 16.88
CA ARG A 37 24.10 25.67 16.78
C ARG A 37 23.89 25.04 18.16
N THR A 38 22.63 24.90 18.55
CA THR A 38 22.31 24.40 19.88
C THR A 38 22.96 23.04 20.15
N ALA A 39 23.07 22.20 19.13
CA ALA A 39 23.60 20.86 19.34
C ALA A 39 25.11 20.83 19.57
N ASP A 40 25.86 21.87 19.17
CA ASP A 40 27.29 21.66 18.91
C ASP A 40 28.28 22.11 20.00
N GLY A 41 28.03 23.08 20.87
CA GLY A 41 26.93 24.02 20.92
C GLY A 41 27.52 25.41 21.08
N PRO A 42 27.53 25.96 22.31
CA PRO A 42 28.02 27.35 22.47
C PRO A 42 29.47 27.54 22.10
N GLU A 43 30.29 26.53 22.42
CA GLU A 43 31.71 26.56 22.04
C GLU A 43 31.87 26.79 20.54
N SER A 44 31.08 26.11 19.72
CA SER A 44 31.03 26.49 18.33
C SER A 44 30.20 27.76 18.25
N LYS A 45 30.81 28.85 17.79
CA LYS A 45 30.09 30.12 17.72
C LYS A 45 30.65 30.88 16.55
N GLN A 46 29.81 31.67 15.92
CA GLN A 46 30.28 32.49 14.82
C GLN A 46 29.69 33.86 14.94
N THR A 47 30.51 34.88 14.67
CA THR A 47 30.10 36.25 14.79
C THR A 47 30.01 36.86 13.40
N PHE A 48 28.93 37.58 13.16
CA PHE A 48 28.70 38.34 11.96
C PHE A 48 28.24 39.69 12.43
N THR A 49 28.73 40.73 11.79
CA THR A 49 28.40 42.08 12.18
C THR A 49 27.63 42.74 11.06
N SER A 50 26.51 43.36 11.40
CA SER A 50 25.77 44.13 10.41
C SER A 50 26.07 45.60 10.67
N GLN A 51 27.02 46.14 9.89
CA GLN A 51 27.17 47.59 9.78
C GLN A 51 26.01 48.15 8.97
N GLU A 52 25.27 47.26 8.31
CA GLU A 52 24.10 47.57 7.51
C GLU A 52 23.00 48.13 8.41
N LYS A 53 22.66 49.40 8.24
CA LYS A 53 21.50 50.01 8.89
C LYS A 53 20.63 50.64 7.81
N ASP A 54 19.61 51.41 8.23
CA ASP A 54 18.51 51.97 7.44
C ASP A 54 17.48 50.87 7.28
N ARG A 55 17.96 49.64 7.11
CA ARG A 55 17.15 48.44 6.94
C ARG A 55 17.20 47.58 8.20
N ASP A 56 17.03 48.19 9.37
CA ASP A 56 17.00 47.48 10.66
C ASP A 56 18.14 46.48 10.83
N PHE A 57 19.35 46.84 10.41
CA PHE A 57 20.53 46.03 10.66
C PHE A 57 20.38 44.62 10.12
N ALA A 58 19.98 44.54 8.85
CA ALA A 58 19.75 43.25 8.19
C ALA A 58 21.04 42.46 8.05
N LEU A 59 20.93 41.15 8.29
CA LEU A 59 22.06 40.26 8.09
C LEU A 59 21.67 39.09 7.20
N PRO A 60 22.34 38.91 6.06
CA PRO A 60 22.05 37.74 5.23
C PRO A 60 22.74 36.49 5.75
N LEU A 61 21.98 35.60 6.36
CA LEU A 61 22.51 34.35 6.91
C LEU A 61 22.26 33.20 5.94
N HIS A 62 23.31 32.42 5.69
CA HIS A 62 23.21 31.22 4.89
C HIS A 62 23.94 30.10 5.62
N LEU A 63 23.30 28.93 5.69
CA LEU A 63 23.83 27.80 6.41
C LEU A 63 25.17 27.30 5.89
N LYS A 64 25.61 27.72 4.69
CA LYS A 64 26.91 27.33 4.19
C LYS A 64 28.00 27.66 5.19
N THR A 65 27.84 28.78 5.91
CA THR A 65 28.80 29.14 6.95
C THR A 65 28.82 28.11 8.08
N PHE A 66 27.70 27.40 8.28
CA PHE A 66 27.65 26.35 9.29
C PHE A 66 27.77 24.97 8.69
N HIS A 67 28.22 24.87 7.43
CA HIS A 67 28.43 23.60 6.76
C HIS A 67 27.11 22.93 6.40
N LEU A 68 26.05 23.72 6.32
CA LEU A 68 24.69 23.32 6.02
C LEU A 68 24.10 22.39 7.08
N LYS A 69 24.74 22.24 8.23
CA LYS A 69 24.10 21.57 9.37
C LYS A 69 22.85 22.34 9.76
N ARG A 70 21.85 21.62 10.26
CA ARG A 70 20.55 22.22 10.48
C ARG A 70 20.07 21.97 11.90
N GLY A 71 19.01 22.66 12.26
CA GLY A 71 18.49 22.53 13.59
C GLY A 71 18.23 23.88 14.20
N GLU A 72 18.29 23.95 15.54
CA GLU A 72 18.11 25.18 16.28
C GLU A 72 19.42 25.93 16.39
N PHE A 73 19.35 27.23 16.17
CA PHE A 73 20.49 28.14 16.26
C PHE A 73 20.14 29.24 17.25
N GLN A 74 21.11 29.63 18.06
CA GLN A 74 20.89 30.71 19.00
C GLN A 74 21.60 31.98 18.53
N ILE A 75 20.97 33.12 18.80
CA ILE A 75 21.43 34.42 18.34
C ILE A 75 21.53 35.35 19.53
N GLU A 76 22.68 36.00 19.70
CA GLU A 76 22.85 37.05 20.69
C GLU A 76 23.21 38.31 19.94
N THR A 77 22.56 39.41 20.26
CA THR A 77 22.79 40.67 19.56
C THR A 77 23.45 41.64 20.52
N VAL A 78 24.39 42.43 20.01
CA VAL A 78 25.02 43.48 20.84
C VAL A 78 25.16 44.71 19.95
N GLY A 79 24.69 45.84 20.45
CA GLY A 79 24.64 47.08 19.67
C GLY A 79 25.78 48.02 20.02
N ILE A 80 26.38 48.60 18.98
CA ILE A 80 27.48 49.54 19.12
C ILE A 80 26.98 50.89 18.65
N LYS A 81 27.07 51.89 19.52
CA LYS A 81 26.57 53.22 19.20
C LYS A 81 27.64 54.04 18.48
N GLU A 82 27.32 55.33 18.31
CA GLU A 82 28.25 56.28 17.72
C GLU A 82 29.49 56.38 18.59
N ASP A 83 29.31 56.57 19.91
CA ASP A 83 30.38 56.29 20.84
C ASP A 83 30.60 54.78 20.80
N ASN A 84 31.84 54.37 20.84
CA ASN A 84 32.06 52.95 20.56
C ASN A 84 31.75 52.03 21.73
N THR A 85 30.87 52.45 22.64
CA THR A 85 30.41 51.58 23.72
C THR A 85 29.45 50.51 23.21
N GLU A 86 29.41 49.39 23.92
CA GLU A 86 28.61 48.22 23.58
C GLU A 86 27.45 48.05 24.56
N THR A 87 26.31 47.59 24.02
CA THR A 87 25.08 47.38 24.77
C THR A 87 24.49 46.03 24.36
N ASN A 88 24.10 45.21 25.35
CA ASN A 88 23.53 43.90 25.07
C ASN A 88 22.06 44.04 24.68
N LEU A 89 21.71 43.56 23.49
CA LEU A 89 20.34 43.75 23.01
C LEU A 89 19.44 42.58 23.42
N VAL A 90 19.37 41.50 22.63
CA VAL A 90 18.44 40.41 22.93
C VAL A 90 18.95 39.07 22.41
N THR A 91 18.37 38.00 22.97
CA THR A 91 18.64 36.64 22.56
C THR A 91 17.43 36.12 21.80
N SER A 92 17.69 35.32 20.77
CA SER A 92 16.62 34.73 19.99
C SER A 92 17.00 33.31 19.60
N LYS A 93 16.03 32.60 19.05
CA LYS A 93 16.26 31.28 18.51
C LYS A 93 15.58 31.19 17.14
N ILE A 94 16.32 30.63 16.19
CA ILE A 94 15.89 30.37 14.82
C ILE A 94 16.09 28.87 14.57
N THR A 95 15.10 28.23 13.97
CA THR A 95 15.20 26.81 13.68
C THR A 95 15.06 26.52 12.18
N PHE A 96 15.98 25.70 11.67
CA PHE A 96 15.94 25.16 10.31
C PHE A 96 15.70 23.67 10.47
N GLN A 97 14.51 23.22 10.09
CA GLN A 97 14.07 21.86 10.39
C GLN A 97 15.04 20.83 9.82
N GLN A 98 15.26 19.77 10.62
CA GLN A 98 16.21 18.70 10.33
C GLN A 98 15.43 17.42 10.04
N HIS A 99 15.95 16.60 9.13
CA HIS A 99 15.26 15.37 8.77
C HIS A 99 15.44 14.37 9.90
N VAL A 100 14.39 13.63 10.20
CA VAL A 100 14.51 12.58 11.19
C VAL A 100 13.96 11.28 10.63
N PRO A 101 14.79 10.27 10.44
CA PRO A 101 14.26 8.96 10.08
C PRO A 101 13.60 8.29 11.28
N VAL A 102 12.51 7.59 11.00
CA VAL A 102 11.75 6.83 11.99
C VAL A 102 11.66 5.41 11.47
N LEU A 103 12.30 4.47 12.17
CA LEU A 103 12.38 3.10 11.67
C LEU A 103 11.25 2.28 12.25
N MET A 104 10.63 1.46 11.40
CA MET A 104 9.48 0.63 11.78
C MET A 104 9.98 -0.80 11.85
N TYR A 105 10.02 -1.34 13.05
CA TYR A 105 10.33 -2.74 13.29
C TYR A 105 9.06 -3.44 13.76
N HIS A 106 9.17 -4.58 13.87
CA HIS A 106 8.05 -5.39 14.32
C HIS A 106 8.56 -6.44 15.24
N ALA A 107 8.88 -7.64 14.86
CA ALA A 107 9.37 -8.71 15.68
C ALA A 107 10.89 -8.67 15.67
N ILE A 108 11.49 -8.87 16.84
CA ILE A 108 12.94 -9.05 16.93
C ILE A 108 13.17 -10.51 17.33
N GLU A 109 13.09 -11.37 16.33
CA GLU A 109 13.17 -12.81 16.50
C GLU A 109 13.53 -13.40 15.15
N LYS A 110 14.16 -14.58 15.17
CA LYS A 110 14.34 -15.31 13.93
C LYS A 110 13.00 -15.91 13.51
N PHE A 111 12.72 -15.84 12.22
CA PHE A 111 11.42 -16.27 11.72
C PHE A 111 11.14 -17.71 12.12
N PRO A 112 10.09 -17.97 12.89
CA PRO A 112 9.73 -19.36 13.22
C PRO A 112 8.61 -19.90 12.34
N GLY A 113 8.15 -19.03 11.43
CA GLY A 113 6.83 -19.01 10.88
C GLY A 113 6.33 -20.19 10.09
N PRO A 114 5.15 -20.04 9.45
CA PRO A 114 4.39 -18.79 9.33
C PRO A 114 3.96 -18.35 10.70
N SER A 115 3.37 -19.25 11.45
CA SER A 115 2.99 -18.97 12.80
C SER A 115 2.38 -17.61 12.92
N ASP A 116 2.98 -16.75 13.74
CA ASP A 116 2.43 -15.42 13.92
C ASP A 116 3.10 -14.47 12.94
N GLY A 117 2.34 -13.98 11.96
CA GLY A 117 2.83 -12.98 11.02
C GLY A 117 3.71 -13.54 9.91
N ASP A 118 3.91 -12.72 8.88
CA ASP A 118 4.77 -13.06 7.76
C ASP A 118 6.24 -12.94 8.12
N TYR A 119 7.08 -13.51 7.25
CA TYR A 119 8.53 -13.41 7.40
C TYR A 119 9.01 -11.97 7.41
N GLY A 120 8.36 -11.09 6.64
CA GLY A 120 8.81 -9.71 6.61
C GLY A 120 8.81 -9.02 7.95
N LEU A 121 8.04 -9.53 8.89
CA LEU A 121 7.92 -8.88 10.19
C LEU A 121 9.11 -9.17 11.09
N TYR A 122 9.89 -10.24 10.80
CA TYR A 122 10.85 -10.81 11.74
C TYR A 122 12.28 -10.44 11.37
N VAL A 123 12.82 -9.46 12.08
CA VAL A 123 14.23 -9.12 12.04
C VAL A 123 14.93 -9.97 13.10
N PRO A 124 15.92 -10.77 12.74
CA PRO A 124 16.61 -11.58 13.74
C PRO A 124 17.33 -10.70 14.73
N PRO A 125 17.47 -11.16 15.98
CA PRO A 125 18.17 -10.34 16.98
C PRO A 125 19.55 -9.88 16.55
N GLU A 126 20.30 -10.70 15.83
CA GLU A 126 21.63 -10.29 15.40
C GLU A 126 21.57 -9.12 14.42
N GLN A 127 20.61 -9.15 13.48
CA GLN A 127 20.47 -8.02 12.57
C GLN A 127 20.14 -6.74 13.32
N PHE A 128 19.21 -6.82 14.27
CA PHE A 128 18.80 -5.63 15.03
C PHE A 128 19.96 -5.05 15.84
N GLU A 129 20.78 -5.92 16.44
CA GLU A 129 21.93 -5.44 17.20
C GLU A 129 22.90 -4.71 16.29
N LYS A 130 23.07 -5.22 15.09
CA LYS A 130 23.94 -4.58 14.11
C LYS A 130 23.42 -3.18 13.75
N HIS A 131 22.12 -3.02 13.62
CA HIS A 131 21.57 -1.69 13.39
C HIS A 131 21.85 -0.79 14.58
N MET A 132 21.48 -1.25 15.78
CA MET A 132 21.63 -0.42 16.96
C MET A 132 23.09 -0.09 17.22
N GLN A 133 23.99 -1.06 17.08
CA GLN A 133 25.40 -0.76 17.25
C GLN A 133 25.85 0.29 16.26
N TYR A 134 25.34 0.22 15.03
CA TYR A 134 25.75 1.20 14.01
C TYR A 134 25.33 2.60 14.45
N LEU A 135 24.13 2.75 15.03
CA LEU A 135 23.75 4.03 15.55
C LEU A 135 24.61 4.43 16.72
N LYS A 136 25.04 3.46 17.51
CA LYS A 136 25.95 3.77 18.61
C LYS A 136 27.30 4.23 18.08
N ASP A 137 27.83 3.54 17.06
CA ASP A 137 29.14 3.86 16.56
C ASP A 137 29.18 5.17 15.78
N ASN A 138 28.05 5.67 15.29
CA ASN A 138 28.02 6.89 14.50
C ASN A 138 27.21 8.00 15.17
N GLY A 139 27.24 8.06 16.49
CA GLY A 139 26.78 9.22 17.24
C GLY A 139 25.34 9.63 17.02
N TYR A 140 24.44 8.66 16.89
CA TYR A 140 23.04 8.97 16.78
C TYR A 140 22.45 9.22 18.16
N THR A 141 21.48 10.13 18.21
CA THR A 141 20.71 10.40 19.41
C THR A 141 19.33 9.81 19.15
N MET A 142 18.94 8.82 19.95
CA MET A 142 17.65 8.18 19.80
C MET A 142 16.58 8.93 20.58
N LEU A 143 15.49 9.30 19.90
CA LEU A 143 14.45 10.11 20.51
C LEU A 143 13.11 9.36 20.54
N THR A 144 12.25 9.76 21.46
CA THR A 144 10.85 9.37 21.51
C THR A 144 9.99 10.62 21.65
N PHE A 145 8.68 10.45 21.58
CA PHE A 145 7.79 11.59 21.48
C PHE A 145 7.76 12.45 22.74
N GLU A 146 8.13 11.88 23.90
CA GLU A 146 8.34 12.72 25.07
C GLU A 146 9.40 13.78 24.80
N ARG A 147 10.29 13.52 23.84
CA ARG A 147 11.36 14.45 23.51
C ARG A 147 11.23 14.98 22.08
N TRP A 148 9.99 15.04 21.58
CA TRP A 148 9.77 15.50 20.21
C TRP A 148 10.50 16.80 19.94
N ASN A 149 10.45 17.72 20.91
CA ASN A 149 10.97 19.05 20.65
C ASN A 149 12.48 19.08 20.51
N ASP A 150 13.16 18.01 20.85
CA ASP A 150 14.62 18.00 20.77
C ASP A 150 15.17 17.59 19.39
N ILE A 151 14.33 17.26 18.39
CA ILE A 151 14.90 16.83 17.11
C ILE A 151 15.81 17.93 16.54
N ASN A 152 15.45 19.19 16.75
CA ASN A 152 16.27 20.24 16.21
C ASN A 152 17.34 20.68 17.21
N ARG A 153 17.40 20.05 18.38
CA ARG A 153 18.37 20.41 19.40
C ARG A 153 19.51 19.40 19.54
N VAL A 154 19.50 18.30 18.78
CA VAL A 154 20.53 17.29 18.91
C VAL A 154 21.08 16.89 17.54
N ASN A 155 22.25 16.23 17.55
CA ASN A 155 22.87 15.74 16.32
C ASN A 155 22.41 14.34 15.97
N LYS A 156 22.10 14.14 14.70
CA LYS A 156 21.71 12.86 14.15
C LYS A 156 20.52 12.30 14.90
N PRO A 157 19.39 12.98 14.94
CA PRO A 157 18.23 12.47 15.66
C PRO A 157 17.67 11.27 14.91
N ILE A 158 17.06 10.35 15.67
CA ILE A 158 16.43 9.19 15.05
C ILE A 158 15.42 8.58 16.03
N PHE A 159 14.30 8.09 15.47
CA PHE A 159 13.27 7.40 16.24
C PHE A 159 13.29 5.94 15.84
N ILE A 160 13.32 5.04 16.83
CA ILE A 160 13.24 3.61 16.60
C ILE A 160 11.93 3.13 17.21
N THR A 161 11.00 2.71 16.36
CA THR A 161 9.67 2.33 16.75
C THR A 161 9.44 0.86 16.44
N MET A 162 8.52 0.25 17.19
CA MET A 162 8.11 -1.13 17.00
C MET A 162 6.60 -1.25 17.16
N ASP A 163 5.96 -1.96 16.24
CA ASP A 163 4.50 -2.09 16.31
C ASP A 163 4.07 -3.47 16.81
N ASP A 164 2.90 -3.48 17.45
CA ASP A 164 2.07 -4.64 17.84
C ASP A 164 2.27 -5.10 19.28
N GLY A 165 3.46 -4.90 19.85
CA GLY A 165 3.78 -5.39 21.19
C GLY A 165 4.01 -6.89 21.30
N ARG A 166 4.78 -7.44 20.37
CA ARG A 166 5.07 -8.88 20.36
C ARG A 166 6.09 -9.25 21.42
N LYS A 167 5.88 -10.40 22.06
CA LYS A 167 6.69 -10.76 23.23
C LYS A 167 8.17 -10.81 22.91
N ASN A 168 8.53 -11.22 21.70
CA ASN A 168 9.95 -11.26 21.34
C ASN A 168 10.56 -9.87 21.30
N ASN A 169 9.78 -8.82 21.53
CA ASN A 169 10.39 -7.50 21.62
C ASN A 169 11.24 -7.34 22.88
N MET A 170 11.15 -8.27 23.83
CA MET A 170 12.03 -8.15 24.99
C MET A 170 13.47 -8.43 24.61
N ASN A 171 13.69 -9.19 23.55
CA ASN A 171 15.03 -9.32 23.02
C ASN A 171 15.57 -7.97 22.61
N ALA A 172 14.70 -7.11 22.08
CA ALA A 172 15.17 -5.77 21.74
C ALA A 172 15.62 -5.01 22.98
N LEU A 173 14.83 -5.07 24.06
CA LEU A 173 15.24 -4.42 25.30
C LEU A 173 16.64 -4.86 25.72
N HIS A 174 16.87 -6.18 25.77
CA HIS A 174 18.17 -6.69 26.19
C HIS A 174 19.28 -6.21 25.27
N ILE A 175 19.04 -6.26 23.96
CA ILE A 175 20.01 -5.72 23.01
C ILE A 175 20.31 -4.26 23.34
N LEU A 176 19.27 -3.48 23.56
CA LEU A 176 19.51 -2.08 23.91
C LEU A 176 20.19 -1.95 25.26
N GLN A 177 19.74 -2.72 26.26
CA GLN A 177 20.33 -2.61 27.59
C GLN A 177 21.82 -2.92 27.55
N LYS A 178 22.22 -3.90 26.75
CA LYS A 178 23.63 -4.27 26.73
C LYS A 178 24.46 -3.21 26.01
N LEU A 179 23.90 -2.54 25.00
CA LEU A 179 24.65 -1.45 24.38
C LEU A 179 24.65 -0.19 25.23
N LYS A 180 23.76 -0.10 26.23
CA LYS A 180 23.71 1.07 27.08
C LYS A 180 25.00 1.24 27.85
N ASP A 181 25.60 2.43 27.73
CA ASP A 181 26.86 2.75 28.39
C ASP A 181 26.83 4.26 28.69
N ASP A 182 27.91 4.74 29.31
CA ASP A 182 28.00 6.18 29.57
C ASP A 182 27.89 7.03 28.31
N THR A 183 28.33 6.52 27.17
CA THR A 183 28.36 7.31 25.94
C THR A 183 27.07 7.23 25.13
N PHE A 184 26.39 6.09 25.17
CA PHE A 184 25.25 5.79 24.29
C PHE A 184 24.03 5.55 25.17
N GLN A 185 23.02 6.43 25.04
CA GLN A 185 21.79 6.29 25.83
C GLN A 185 20.60 5.99 24.92
N PRO A 186 20.16 4.73 24.87
CA PRO A 186 19.17 4.34 23.86
C PRO A 186 17.74 4.59 24.30
N ALA A 187 16.92 4.86 23.30
CA ALA A 187 15.51 5.10 23.52
C ALA A 187 14.75 4.49 22.35
N ALA A 188 13.56 3.98 22.63
CA ALA A 188 12.73 3.42 21.57
C ALA A 188 11.28 3.55 21.98
N THR A 189 10.40 3.42 21.00
CA THR A 189 8.97 3.45 21.22
C THR A 189 8.31 2.13 20.86
N GLU A 190 7.40 1.68 21.71
CA GLU A 190 6.64 0.46 21.47
C GLU A 190 5.15 0.82 21.41
N PHE A 191 4.48 0.38 20.35
CA PHE A 191 3.07 0.62 20.10
C PHE A 191 2.27 -0.66 20.39
N LEU A 192 1.51 -0.66 21.48
CA LEU A 192 0.77 -1.86 21.86
C LEU A 192 -0.61 -1.86 21.23
N THR A 193 -1.01 -3.00 20.66
CA THR A 193 -2.43 -3.12 20.34
C THR A 193 -3.08 -3.57 21.65
N ALA A 194 -3.87 -2.66 22.22
CA ALA A 194 -4.19 -2.69 23.65
C ALA A 194 -4.85 -4.01 24.06
N ASN A 195 -5.82 -4.50 23.29
CA ASN A 195 -6.56 -5.66 23.73
C ASN A 195 -5.81 -6.95 23.52
N GLU A 196 -4.60 -6.87 23.01
CA GLU A 196 -3.75 -8.04 22.89
C GLU A 196 -2.72 -8.13 23.99
N ILE A 197 -2.66 -7.15 24.89
CA ILE A 197 -1.68 -7.22 25.97
C ILE A 197 -1.98 -8.47 26.78
N ASP A 198 -0.94 -9.13 27.26
CA ASP A 198 -1.08 -10.37 28.03
C ASP A 198 -1.83 -11.49 27.28
N LYS A 199 -1.89 -11.38 25.97
CA LYS A 199 -2.26 -12.48 25.10
C LYS A 199 -1.02 -13.30 24.76
N PRO A 200 -1.20 -14.54 24.30
CA PRO A 200 -0.04 -15.37 23.92
C PRO A 200 0.83 -14.72 22.84
N ASN A 201 2.15 -14.81 23.02
CA ASN A 201 3.17 -14.19 22.17
C ASN A 201 3.11 -12.69 22.18
N ARG A 202 2.42 -12.09 23.15
CA ARG A 202 2.46 -10.64 23.29
C ARG A 202 3.08 -10.30 24.63
N LEU A 203 3.65 -9.09 24.70
CA LEU A 203 4.31 -8.67 25.92
C LEU A 203 3.38 -8.79 27.12
N SER A 204 3.95 -9.25 28.23
CA SER A 204 3.14 -9.32 29.41
C SER A 204 3.09 -7.95 30.08
N THR A 205 2.24 -7.82 31.10
CA THR A 205 2.26 -6.59 31.89
C THR A 205 3.61 -6.43 32.56
N ASP A 206 4.20 -7.55 33.01
CA ASP A 206 5.52 -7.49 33.57
C ASP A 206 6.55 -7.17 32.49
N ASP A 207 6.37 -7.70 31.29
CA ASP A 207 7.26 -7.34 30.19
C ASP A 207 7.31 -5.82 30.04
N ILE A 208 6.15 -5.17 30.11
CA ILE A 208 6.08 -3.73 29.90
C ILE A 208 6.66 -2.98 31.09
N LYS A 209 6.32 -3.41 32.32
CA LYS A 209 6.92 -2.80 33.49
C LYS A 209 8.43 -2.83 33.42
N GLN A 210 8.99 -3.92 32.89
CA GLN A 210 10.43 -4.01 32.75
C GLN A 210 10.95 -3.05 31.69
N MET A 211 10.36 -3.08 30.50
CA MET A 211 10.73 -2.14 29.45
C MET A 211 10.58 -0.71 29.92
N MET A 212 9.53 -0.44 30.68
CA MET A 212 9.29 0.91 31.18
C MET A 212 10.32 1.29 32.24
N ASP A 213 10.66 0.34 33.13
CA ASP A 213 11.60 0.53 34.23
C ASP A 213 13.07 0.60 33.79
N SER A 214 13.40 0.26 32.55
CA SER A 214 14.77 0.42 32.07
C SER A 214 15.11 1.86 31.72
N GLY A 215 14.12 2.72 31.59
CA GLY A 215 14.36 4.05 31.07
C GLY A 215 14.53 4.12 29.56
N ILE A 216 14.39 3.00 28.85
CA ILE A 216 14.65 2.98 27.42
C ILE A 216 13.38 3.17 26.61
N PHE A 217 12.26 2.60 27.05
CA PHE A 217 11.07 2.51 26.20
C PHE A 217 9.97 3.50 26.55
N SER A 218 9.35 4.02 25.51
CA SER A 218 8.10 4.77 25.58
C SER A 218 6.98 3.84 25.11
N ILE A 219 5.91 3.76 25.89
CA ILE A 219 4.82 2.81 25.64
C ILE A 219 3.66 3.56 25.01
N GLN A 220 3.35 3.26 23.75
CA GLN A 220 2.29 4.03 23.08
C GLN A 220 1.22 3.14 22.47
N SER A 221 0.29 3.72 21.71
CA SER A 221 -0.90 3.01 21.28
C SER A 221 -0.83 2.55 19.83
N HIS A 222 -1.35 1.34 19.61
CA HIS A 222 -1.48 0.76 18.28
C HIS A 222 -2.93 0.46 17.97
N THR A 223 -3.86 1.20 18.61
CA THR A 223 -5.28 0.92 18.48
C THR A 223 -5.64 -0.20 19.45
N ALA A 224 -6.93 -0.43 19.71
CA ALA A 224 -7.28 -1.51 20.63
C ALA A 224 -7.27 -2.88 19.94
N ASN A 225 -7.66 -2.97 18.65
CA ASN A 225 -7.80 -4.29 18.02
C ASN A 225 -7.08 -4.39 16.68
N HIS A 226 -5.98 -3.68 16.50
CA HIS A 226 -5.26 -3.67 15.22
C HIS A 226 -6.22 -3.38 14.07
N THR A 227 -7.08 -2.41 14.28
CA THR A 227 -8.10 -2.01 13.31
C THR A 227 -7.59 -1.03 12.25
N MET A 228 -8.14 -1.18 11.05
CA MET A 228 -7.82 -0.26 9.97
C MET A 228 -8.74 0.95 10.07
N MET A 229 -8.14 2.08 10.43
CA MET A 229 -8.93 3.23 10.84
C MET A 229 -9.62 3.91 9.68
N ALA A 230 -9.04 3.87 8.48
CA ALA A 230 -9.75 4.50 7.36
C ALA A 230 -11.10 3.84 7.13
N HIS A 231 -11.22 2.57 7.48
CA HIS A 231 -12.45 1.83 7.24
C HIS A 231 -13.29 1.60 8.49
N SER A 232 -12.97 2.24 9.58
CA SER A 232 -13.75 2.09 10.78
C SER A 232 -14.25 3.47 11.19
N ASN A 233 -15.35 3.50 11.93
CA ASN A 233 -15.78 4.73 12.59
C ASN A 233 -15.99 4.52 14.09
N ASN A 234 -15.60 3.36 14.61
CA ASN A 234 -15.61 3.12 16.05
C ASN A 234 -14.37 3.76 16.69
N TYR A 235 -14.26 5.08 16.52
CA TYR A 235 -13.12 5.85 17.02
C TYR A 235 -13.00 5.72 18.53
N ASP A 236 -14.14 5.76 19.22
CA ASP A 236 -14.14 5.80 20.68
C ASP A 236 -13.40 4.63 21.29
N GLU A 237 -13.75 3.41 20.88
CA GLU A 237 -13.15 2.21 21.45
C GLU A 237 -11.68 2.10 21.07
N GLU A 238 -11.38 2.32 19.79
CA GLU A 238 -10.07 2.08 19.19
C GLU A 238 -9.07 3.19 19.44
N LEU A 239 -9.51 4.45 19.52
CA LEU A 239 -8.56 5.54 19.80
C LEU A 239 -8.54 5.88 21.28
N ARG A 240 -9.68 6.29 21.82
CA ARG A 240 -9.70 6.70 23.21
C ARG A 240 -9.54 5.51 24.13
N GLY A 241 -10.29 4.44 23.87
CA GLY A 241 -10.24 3.29 24.75
C GLY A 241 -8.87 2.65 24.78
N SER A 242 -8.24 2.51 23.60
CA SER A 242 -6.88 1.97 23.55
C SER A 242 -5.93 2.78 24.43
N LYS A 243 -5.93 4.10 24.27
CA LYS A 243 -5.08 4.99 25.04
C LYS A 243 -5.27 4.82 26.55
N GLU A 244 -6.53 4.72 27.01
CA GLU A 244 -6.79 4.65 28.43
C GLU A 244 -6.38 3.28 29.01
N LYS A 245 -6.56 2.23 28.22
CA LYS A 245 -6.10 0.90 28.63
C LYS A 245 -4.60 0.90 28.89
N ILE A 246 -3.81 1.41 27.95
CA ILE A 246 -2.37 1.43 28.15
C ILE A 246 -2.00 2.35 29.31
N GLU A 247 -2.65 3.49 29.37
CA GLU A 247 -2.38 4.45 30.43
C GLU A 247 -2.66 3.85 31.80
N ALA A 248 -3.77 3.12 31.93
CA ALA A 248 -4.09 2.45 33.18
C ALA A 248 -3.07 1.37 33.50
N LEU A 249 -2.46 0.75 32.49
CA LEU A 249 -1.40 -0.20 32.77
C LEU A 249 -0.12 0.52 33.17
N THR A 250 0.41 1.36 32.28
CA THR A 250 1.72 1.93 32.50
C THR A 250 1.72 2.88 33.68
N GLY A 251 0.68 3.69 33.81
CA GLY A 251 0.73 4.84 34.71
C GLY A 251 1.42 6.04 34.09
N LYS A 252 1.78 5.96 32.81
CA LYS A 252 2.44 7.01 32.06
C LYS A 252 1.53 7.50 30.95
N LYS A 253 1.74 8.75 30.57
CA LYS A 253 0.88 9.37 29.57
C LYS A 253 1.12 8.74 28.20
N VAL A 254 0.04 8.48 27.49
CA VAL A 254 0.08 7.94 26.14
C VAL A 254 -0.26 9.07 25.20
N ILE A 255 0.68 9.44 24.31
CA ILE A 255 0.52 10.61 23.47
C ILE A 255 0.66 10.31 21.99
N ALA A 256 1.06 9.09 21.60
CA ALA A 256 1.32 8.77 20.21
C ALA A 256 0.54 7.53 19.77
N LEU A 257 0.18 7.54 18.49
CA LEU A 257 -0.51 6.44 17.84
C LEU A 257 0.22 6.06 16.56
N ALA A 258 0.12 4.79 16.22
CA ALA A 258 0.64 4.22 14.98
C ALA A 258 -0.50 3.49 14.30
N TYR A 259 -0.92 3.98 13.15
CA TYR A 259 -2.10 3.40 12.52
C TYR A 259 -1.80 1.96 12.11
N PRO A 260 -2.54 0.97 12.60
CA PRO A 260 -2.35 -0.40 12.11
C PRO A 260 -2.46 -0.39 10.60
N VAL A 261 -1.56 -1.15 9.95
CA VAL A 261 -1.58 -1.37 8.52
C VAL A 261 -1.27 -0.05 7.83
N GLY A 262 -0.97 0.98 8.62
CA GLY A 262 -0.77 2.29 8.03
C GLY A 262 -2.04 2.95 7.54
N SER A 263 -3.22 2.39 7.86
CA SER A 263 -4.50 2.80 7.27
C SER A 263 -5.02 4.08 7.92
N TYR A 264 -5.24 5.11 7.12
CA TYR A 264 -5.78 6.35 7.67
C TYR A 264 -6.45 7.18 6.58
N ASN A 265 -7.30 8.11 7.01
CA ASN A 265 -7.87 9.12 6.12
C ASN A 265 -8.17 10.35 6.96
N ASP A 266 -8.74 11.38 6.29
CA ASP A 266 -9.01 12.64 6.98
C ASP A 266 -9.87 12.43 8.21
N PRO A 267 -11.04 11.78 8.14
CA PRO A 267 -11.84 11.64 9.35
C PRO A 267 -11.10 10.93 10.48
N ALA A 268 -10.27 9.92 10.18
CA ALA A 268 -9.54 9.25 11.25
C ALA A 268 -8.47 10.15 11.88
N VAL A 269 -7.84 11.02 11.08
CA VAL A 269 -6.89 11.97 11.63
C VAL A 269 -7.60 12.95 12.55
N GLU A 270 -8.71 13.52 12.09
CA GLU A 270 -9.45 14.46 12.93
C GLU A 270 -9.86 13.81 14.25
N GLU A 271 -10.19 12.52 14.21
CA GLU A 271 -10.53 11.79 15.43
C GLU A 271 -9.29 11.48 16.26
N THR A 272 -8.15 11.15 15.61
CA THR A 272 -6.91 10.91 16.34
C THR A 272 -6.47 12.16 17.10
N LYS A 273 -6.57 13.32 16.42
CA LYS A 273 -6.23 14.62 16.96
C LYS A 273 -6.89 14.87 18.30
N LYS A 274 -8.07 14.29 18.52
CA LYS A 274 -8.80 14.53 19.76
C LYS A 274 -8.13 13.86 20.95
N TYR A 275 -7.38 12.79 20.68
CA TYR A 275 -6.86 11.97 21.75
C TYR A 275 -5.35 11.88 21.81
N TYR A 276 -4.63 12.20 20.73
CA TYR A 276 -3.19 11.99 20.68
C TYR A 276 -2.51 13.27 20.23
N GLU A 277 -1.25 13.42 20.66
CA GLU A 277 -0.39 14.50 20.17
C GLU A 277 0.37 14.12 18.91
N PHE A 278 0.68 12.85 18.70
CA PHE A 278 1.39 12.46 17.50
C PHE A 278 0.80 11.18 16.96
N ALA A 279 0.87 11.00 15.64
CA ALA A 279 0.48 9.70 15.10
C ALA A 279 1.43 9.36 13.97
N VAL A 280 1.73 8.09 13.85
CA VAL A 280 2.78 7.68 12.95
C VAL A 280 2.20 6.71 11.93
N THR A 281 2.72 6.79 10.69
CA THR A 281 2.17 6.06 9.55
C THR A 281 3.19 5.07 9.03
N THR A 282 2.83 4.40 7.94
CA THR A 282 3.78 3.60 7.17
C THR A 282 4.09 4.26 5.83
N ASP A 283 3.81 5.56 5.72
CA ASP A 283 4.13 6.35 4.53
C ASP A 283 5.64 6.47 4.42
N HIS A 284 6.17 6.16 3.25
CA HIS A 284 7.61 6.06 3.11
C HIS A 284 8.25 7.45 3.12
N GLY A 285 9.42 7.53 3.76
CA GLY A 285 10.29 8.71 3.76
C GLY A 285 10.75 9.11 5.15
N ASN A 286 11.62 10.12 5.17
CA ASN A 286 12.06 10.76 6.41
C ASN A 286 10.98 11.72 6.87
N HIS A 287 10.99 12.06 8.15
CA HIS A 287 10.08 13.08 8.65
C HIS A 287 10.77 14.44 8.65
N ILE A 288 10.07 15.44 8.14
CA ILE A 288 10.48 16.83 8.28
C ILE A 288 9.24 17.63 8.67
N THR A 289 9.42 18.61 9.55
CA THR A 289 8.31 19.47 9.97
C THR A 289 8.20 20.58 8.95
N LYS A 290 7.26 20.44 8.02
CA LYS A 290 7.18 21.39 6.91
C LYS A 290 6.24 22.55 7.19
N GLY A 291 5.49 22.50 8.28
CA GLY A 291 4.45 23.47 8.52
C GLY A 291 3.10 23.10 7.96
N MET A 292 2.96 21.89 7.40
CA MET A 292 1.68 21.43 6.88
C MET A 292 0.69 21.20 8.02
N PRO A 293 -0.61 21.30 7.75
CA PRO A 293 -1.60 21.10 8.81
C PRO A 293 -1.69 19.62 9.22
N ASN A 294 -1.80 19.40 10.53
CA ASN A 294 -1.91 18.06 11.09
C ASN A 294 -0.72 17.18 10.76
N GLU A 295 0.39 17.75 10.29
CA GLU A 295 1.48 16.91 9.79
C GLU A 295 2.07 16.03 10.88
N GLN A 296 1.91 16.38 12.15
CA GLN A 296 2.41 15.55 13.24
C GLN A 296 1.56 14.32 13.47
N TYR A 297 0.47 14.17 12.72
CA TYR A 297 -0.37 12.97 12.77
C TYR A 297 -0.22 12.15 11.51
N LEU A 298 0.76 12.49 10.67
CA LEU A 298 1.05 11.80 9.41
C LEU A 298 2.53 11.53 9.22
N ILE A 299 3.21 11.22 10.32
CA ILE A 299 4.64 11.08 10.25
C ILE A 299 5.04 9.88 9.42
N LYS A 300 6.01 10.10 8.53
CA LYS A 300 6.46 9.08 7.58
C LYS A 300 7.48 8.17 8.25
N ARG A 301 7.39 6.87 7.97
CA ARG A 301 8.28 5.88 8.56
C ARG A 301 8.91 5.00 7.48
N HIS A 302 10.00 4.34 7.86
CA HIS A 302 10.74 3.41 7.01
C HIS A 302 10.47 1.98 7.44
N PHE A 303 10.19 1.11 6.48
CA PHE A 303 10.04 -0.31 6.79
C PHE A 303 11.42 -0.93 6.81
N VAL A 304 11.76 -1.56 7.93
CA VAL A 304 13.00 -2.31 8.08
C VAL A 304 12.63 -3.76 8.35
N GLY A 305 13.21 -4.67 7.59
CA GLY A 305 12.90 -6.07 7.73
C GLY A 305 14.06 -6.99 7.40
N PRO A 306 13.82 -8.30 7.45
CA PRO A 306 14.91 -9.25 7.23
C PRO A 306 15.63 -9.07 5.90
N ASN A 307 14.94 -8.65 4.84
CA ASN A 307 15.58 -8.47 3.54
C ASN A 307 16.18 -7.08 3.36
N THR A 308 16.25 -6.28 4.42
CA THR A 308 16.88 -4.96 4.32
C THR A 308 18.38 -5.14 4.45
N SER A 309 19.11 -4.91 3.35
CA SER A 309 20.56 -5.00 3.43
C SER A 309 21.09 -3.93 4.38
N MET A 310 22.24 -4.19 4.96
CA MET A 310 22.90 -3.18 5.77
C MET A 310 23.16 -1.93 4.97
N GLU A 311 23.56 -2.10 3.72
CA GLU A 311 23.81 -0.93 2.89
C GLU A 311 22.57 -0.08 2.76
N LYS A 312 21.40 -0.72 2.55
CA LYS A 312 20.16 0.03 2.43
C LYS A 312 19.75 0.63 3.77
N PHE A 313 19.83 -0.17 4.84
CA PHE A 313 19.57 0.37 6.17
C PHE A 313 20.37 1.63 6.39
N ILE A 314 21.64 1.63 6.00
CA ILE A 314 22.46 2.81 6.16
C ILE A 314 21.93 3.95 5.33
N SER A 315 21.53 3.66 4.09
CA SER A 315 20.95 4.69 3.23
C SER A 315 19.69 5.27 3.86
N LEU A 316 18.96 4.49 4.64
CA LEU A 316 17.74 4.99 5.26
C LEU A 316 18.05 6.08 6.30
N ILE A 317 19.03 5.85 7.15
CA ILE A 317 19.28 6.72 8.28
C ILE A 317 20.33 7.78 7.94
N LYS A 318 20.61 7.98 6.65
CA LYS A 318 21.50 9.04 6.20
C LYS A 318 20.72 10.36 6.29
N THR B 1 -41.62 -2.44 -18.01
CA THR B 1 -42.41 -1.28 -17.66
C THR B 1 -43.45 -1.58 -16.57
N GLN B 2 -43.33 -2.72 -15.88
CA GLN B 2 -44.21 -3.02 -14.76
C GLN B 2 -43.54 -4.08 -13.90
N GLY B 3 -43.35 -3.80 -12.63
CA GLY B 3 -42.85 -4.78 -11.69
C GLY B 3 -41.33 -4.88 -11.66
N VAL B 4 -40.84 -5.82 -10.83
CA VAL B 4 -39.42 -6.10 -10.70
C VAL B 4 -39.22 -7.55 -10.28
N ILE B 5 -38.13 -8.15 -10.76
CA ILE B 5 -37.80 -9.54 -10.48
C ILE B 5 -36.80 -9.59 -9.35
N THR B 6 -37.12 -10.34 -8.30
CA THR B 6 -36.24 -10.55 -7.17
C THR B 6 -36.01 -12.06 -7.00
N TRP B 7 -35.04 -12.43 -6.15
CA TRP B 7 -34.75 -13.85 -5.97
C TRP B 7 -34.25 -14.08 -4.55
N ASP B 8 -34.12 -15.35 -4.20
CA ASP B 8 -33.65 -15.68 -2.87
C ASP B 8 -32.12 -15.61 -2.80
N PRO B 9 -31.57 -15.06 -1.72
CA PRO B 9 -30.10 -14.99 -1.63
C PRO B 9 -29.50 -16.37 -1.77
N TYR B 10 -28.39 -16.42 -2.51
CA TYR B 10 -27.63 -17.65 -2.71
C TYR B 10 -26.16 -17.26 -2.64
N GLU B 11 -25.32 -18.23 -2.34
CA GLU B 11 -23.89 -18.03 -2.31
C GLU B 11 -23.18 -18.52 -3.57
N TYR B 12 -21.92 -18.09 -3.71
CA TYR B 12 -21.24 -18.09 -5.01
C TYR B 12 -21.35 -19.42 -5.75
N ASN B 13 -21.32 -20.54 -5.03
CA ASN B 13 -21.32 -21.86 -5.65
C ASN B 13 -22.70 -22.49 -5.76
N ALA B 14 -23.76 -21.79 -5.35
CA ALA B 14 -25.10 -22.36 -5.39
C ALA B 14 -25.54 -22.68 -6.81
N GLN B 15 -26.43 -23.68 -6.93
CA GLN B 15 -27.01 -24.08 -8.20
C GLN B 15 -28.51 -23.85 -8.28
N ASN B 16 -29.11 -23.28 -7.25
CA ASN B 16 -30.56 -23.17 -7.20
C ASN B 16 -30.94 -21.89 -6.45
N THR B 17 -32.09 -21.33 -6.83
CA THR B 17 -32.66 -20.12 -6.27
C THR B 17 -34.13 -20.12 -6.64
N THR B 18 -34.92 -19.32 -5.95
CA THR B 18 -36.31 -19.12 -6.31
C THR B 18 -36.54 -17.68 -6.76
N LEU B 19 -37.15 -17.53 -7.94
CA LEU B 19 -37.43 -16.22 -8.52
C LEU B 19 -38.83 -15.75 -8.16
N TYR B 20 -38.95 -14.44 -7.98
CA TYR B 20 -40.20 -13.82 -7.60
C TYR B 20 -40.44 -12.60 -8.48
N THR B 21 -41.67 -12.43 -8.92
CA THR B 21 -42.08 -11.20 -9.57
C THR B 21 -42.93 -10.45 -8.55
N LYS B 22 -42.66 -9.16 -8.35
CA LYS B 22 -43.35 -8.44 -7.31
C LYS B 22 -43.56 -6.99 -7.76
N ASP B 23 -44.47 -6.32 -7.06
CA ASP B 23 -44.76 -4.91 -7.29
C ASP B 23 -45.45 -4.73 -8.64
N LEU B 24 -46.37 -5.64 -8.94
CA LEU B 24 -47.23 -5.57 -10.11
C LEU B 24 -48.52 -4.84 -9.75
N ARG B 25 -48.87 -3.82 -10.52
CA ARG B 25 -50.11 -3.11 -10.25
C ARG B 25 -51.33 -4.00 -10.51
N ASP B 26 -51.36 -4.69 -11.65
CA ASP B 26 -52.51 -5.51 -12.01
C ASP B 26 -52.49 -6.87 -11.31
N SER B 27 -53.63 -7.56 -11.42
CA SER B 27 -53.81 -8.91 -10.92
C SER B 27 -53.70 -9.88 -12.07
N PHE B 28 -52.80 -10.87 -11.93
CA PHE B 28 -52.54 -11.87 -12.94
C PHE B 28 -52.77 -13.24 -12.32
N LYS B 29 -53.20 -14.19 -13.16
CA LYS B 29 -53.41 -15.53 -12.64
C LYS B 29 -52.11 -16.33 -12.63
N GLU B 30 -51.17 -16.00 -13.52
CA GLU B 30 -49.90 -16.71 -13.62
C GLU B 30 -48.91 -15.85 -14.37
N VAL B 31 -47.62 -16.11 -14.14
CA VAL B 31 -46.52 -15.41 -14.77
C VAL B 31 -45.62 -16.42 -15.50
N ARG B 32 -45.25 -16.06 -16.72
CA ARG B 32 -44.35 -16.85 -17.55
C ARG B 32 -42.96 -16.25 -17.43
N TYR B 33 -41.99 -17.09 -17.10
CA TYR B 33 -40.59 -16.71 -17.04
C TYR B 33 -39.86 -17.27 -18.26
N ASN B 34 -39.18 -16.39 -19.00
CA ASN B 34 -38.39 -16.80 -20.16
C ASN B 34 -36.93 -16.58 -19.80
N ILE B 35 -36.17 -17.66 -19.72
CA ILE B 35 -34.81 -17.61 -19.17
C ILE B 35 -33.82 -18.20 -20.17
N TRP B 36 -32.66 -17.55 -20.30
CA TRP B 36 -31.58 -18.09 -21.11
C TRP B 36 -30.24 -17.54 -20.64
N ARG B 37 -29.21 -18.28 -20.98
CA ARG B 37 -27.85 -17.94 -20.64
C ARG B 37 -27.30 -16.95 -21.66
N THR B 38 -26.79 -15.81 -21.17
CA THR B 38 -26.31 -14.79 -22.08
C THR B 38 -25.31 -15.33 -23.08
N ALA B 39 -24.50 -16.31 -22.67
CA ALA B 39 -23.42 -16.80 -23.51
C ALA B 39 -23.91 -17.59 -24.73
N ASP B 40 -25.15 -18.07 -24.73
CA ASP B 40 -25.46 -19.17 -25.63
C ASP B 40 -26.20 -18.79 -26.94
N GLY B 41 -27.08 -17.80 -27.00
CA GLY B 41 -27.67 -17.06 -25.90
C GLY B 41 -29.17 -17.08 -26.10
N PRO B 42 -29.72 -15.98 -26.64
CA PRO B 42 -31.19 -15.89 -26.79
C PRO B 42 -31.76 -16.98 -27.68
N GLU B 43 -30.95 -17.52 -28.60
CA GLU B 43 -31.40 -18.65 -29.42
C GLU B 43 -31.94 -19.77 -28.55
N SER B 44 -31.23 -20.08 -27.47
CA SER B 44 -31.78 -20.92 -26.43
C SER B 44 -32.68 -20.10 -25.52
N LYS B 45 -33.76 -20.72 -25.09
CA LYS B 45 -34.67 -20.09 -24.16
C LYS B 45 -35.36 -21.24 -23.46
N GLN B 46 -35.76 -21.02 -22.21
CA GLN B 46 -36.58 -22.00 -21.52
C GLN B 46 -37.67 -21.26 -20.75
N THR B 47 -38.89 -21.77 -20.84
CA THR B 47 -40.03 -21.10 -20.21
C THR B 47 -40.54 -21.92 -19.04
N PHE B 48 -40.84 -21.21 -17.97
CA PHE B 48 -41.47 -21.79 -16.80
C PHE B 48 -42.59 -20.85 -16.38
N THR B 49 -43.72 -21.41 -15.98
CA THR B 49 -44.86 -20.61 -15.54
C THR B 49 -45.15 -20.93 -14.09
N SER B 50 -45.18 -19.91 -13.25
CA SER B 50 -45.52 -20.10 -11.83
C SER B 50 -46.96 -19.66 -11.66
N GLN B 51 -47.86 -20.64 -11.48
CA GLN B 51 -49.25 -20.38 -11.10
C GLN B 51 -49.39 -19.91 -9.66
N GLU B 52 -48.37 -20.09 -8.82
CA GLU B 52 -48.49 -19.74 -7.41
C GLU B 52 -48.62 -18.24 -7.26
N LYS B 53 -49.85 -17.73 -7.45
CA LYS B 53 -50.08 -16.30 -7.34
C LYS B 53 -49.95 -15.83 -5.91
N ASP B 54 -50.06 -16.77 -4.97
CA ASP B 54 -50.04 -16.43 -3.55
C ASP B 54 -48.66 -15.93 -3.13
N ARG B 55 -47.59 -16.52 -3.67
CA ARG B 55 -46.24 -16.14 -3.27
C ARG B 55 -45.48 -15.37 -4.33
N ASP B 56 -46.09 -14.30 -4.86
CA ASP B 56 -45.48 -13.44 -5.89
C ASP B 56 -44.90 -14.25 -7.05
N PHE B 57 -45.63 -15.31 -7.42
CA PHE B 57 -45.28 -16.14 -8.57
C PHE B 57 -43.90 -16.74 -8.38
N ALA B 58 -43.75 -17.42 -7.27
CA ALA B 58 -42.50 -18.07 -6.92
C ALA B 58 -42.16 -19.14 -7.94
N LEU B 59 -40.92 -19.14 -8.42
CA LEU B 59 -40.46 -20.18 -9.33
C LEU B 59 -39.15 -20.75 -8.80
N PRO B 60 -39.07 -22.06 -8.58
CA PRO B 60 -37.80 -22.68 -8.18
C PRO B 60 -36.89 -22.88 -9.39
N LEU B 61 -35.80 -22.12 -9.44
CA LEU B 61 -34.82 -22.21 -10.51
C LEU B 61 -33.73 -23.17 -10.10
N HIS B 62 -33.40 -24.15 -10.94
CA HIS B 62 -32.25 -24.98 -10.62
C HIS B 62 -31.45 -25.21 -11.89
N LEU B 63 -30.14 -25.01 -11.80
CA LEU B 63 -29.29 -25.10 -12.98
C LEU B 63 -29.30 -26.48 -13.63
N LYS B 64 -29.83 -27.51 -12.94
CA LYS B 64 -29.88 -28.83 -13.54
C LYS B 64 -30.60 -28.77 -14.87
N THR B 65 -31.67 -27.97 -14.94
CA THR B 65 -32.38 -27.76 -16.19
C THR B 65 -31.51 -27.11 -17.23
N PHE B 66 -30.45 -26.42 -16.84
CA PHE B 66 -29.50 -25.83 -17.77
C PHE B 66 -28.20 -26.60 -17.86
N HIS B 67 -28.18 -27.85 -17.38
CA HIS B 67 -27.01 -28.74 -17.45
C HIS B 67 -25.93 -28.34 -16.45
N LEU B 68 -26.29 -27.58 -15.43
CA LEU B 68 -25.43 -27.01 -14.39
C LEU B 68 -24.48 -25.96 -14.96
N LYS B 69 -24.66 -25.55 -16.21
CA LYS B 69 -23.93 -24.42 -16.75
C LYS B 69 -24.22 -23.17 -15.91
N ARG B 70 -23.24 -22.28 -15.85
CA ARG B 70 -23.30 -21.12 -14.98
C ARG B 70 -23.02 -19.87 -15.81
N GLY B 71 -23.15 -18.73 -15.15
CA GLY B 71 -22.85 -17.46 -15.77
C GLY B 71 -24.00 -16.51 -15.59
N GLU B 72 -24.10 -15.55 -16.51
CA GLU B 72 -25.19 -14.61 -16.50
C GLU B 72 -26.36 -15.23 -17.27
N PHE B 73 -27.54 -15.14 -16.68
CA PHE B 73 -28.78 -15.63 -17.27
C PHE B 73 -29.75 -14.47 -17.35
N GLN B 74 -30.48 -14.37 -18.45
CA GLN B 74 -31.43 -13.28 -18.57
C GLN B 74 -32.84 -13.78 -18.29
N ILE B 75 -33.68 -12.89 -17.74
CA ILE B 75 -35.03 -13.23 -17.34
C ILE B 75 -36.03 -12.27 -17.98
N GLU B 76 -37.01 -12.83 -18.69
CA GLU B 76 -38.14 -12.10 -19.26
C GLU B 76 -39.44 -12.62 -18.67
N THR B 77 -40.31 -11.72 -18.19
CA THR B 77 -41.57 -12.10 -17.58
C THR B 77 -42.77 -11.62 -18.39
N VAL B 78 -43.81 -12.47 -18.43
CA VAL B 78 -45.07 -12.18 -19.09
C VAL B 78 -46.19 -12.62 -18.15
N GLY B 79 -47.11 -11.71 -17.85
CA GLY B 79 -48.19 -11.96 -16.92
C GLY B 79 -49.47 -12.21 -17.69
N ILE B 80 -50.24 -13.20 -17.24
CA ILE B 80 -51.47 -13.60 -17.90
C ILE B 80 -52.61 -13.19 -16.99
N LYS B 81 -53.54 -12.38 -17.48
CA LYS B 81 -54.61 -12.04 -16.54
C LYS B 81 -55.65 -13.15 -16.51
N GLU B 82 -56.69 -12.93 -15.71
CA GLU B 82 -57.86 -13.78 -15.74
C GLU B 82 -58.55 -13.69 -17.10
N ASP B 83 -58.39 -12.57 -17.80
CA ASP B 83 -58.87 -12.43 -19.18
C ASP B 83 -58.17 -13.34 -20.17
N ASN B 84 -57.11 -14.03 -19.75
CA ASN B 84 -56.23 -14.77 -20.63
C ASN B 84 -55.52 -13.86 -21.62
N THR B 85 -55.52 -12.55 -21.37
CA THR B 85 -54.65 -11.61 -22.08
C THR B 85 -53.23 -11.67 -21.53
N GLU B 86 -52.26 -11.32 -22.37
CA GLU B 86 -50.86 -11.35 -22.00
C GLU B 86 -50.31 -9.95 -21.86
N THR B 87 -49.41 -9.78 -20.89
CA THR B 87 -48.84 -8.50 -20.56
C THR B 87 -47.33 -8.66 -20.44
N ASN B 88 -46.57 -7.79 -21.09
CA ASN B 88 -45.13 -7.82 -20.93
C ASN B 88 -44.79 -7.10 -19.64
N LEU B 89 -44.18 -7.82 -18.69
CA LEU B 89 -43.96 -7.22 -17.40
C LEU B 89 -42.60 -6.55 -17.30
N VAL B 90 -41.56 -7.32 -16.98
CA VAL B 90 -40.24 -6.75 -16.70
C VAL B 90 -39.16 -7.76 -17.07
N THR B 91 -37.94 -7.25 -17.31
CA THR B 91 -36.77 -8.06 -17.61
C THR B 91 -35.75 -7.92 -16.49
N SER B 92 -35.01 -8.99 -16.23
CA SER B 92 -33.95 -8.98 -15.22
C SER B 92 -32.77 -9.82 -15.70
N LYS B 93 -31.67 -9.75 -14.95
CA LYS B 93 -30.49 -10.55 -15.20
C LYS B 93 -30.06 -11.16 -13.88
N ILE B 94 -29.74 -12.45 -13.91
CA ILE B 94 -29.27 -13.21 -12.75
C ILE B 94 -27.91 -13.81 -13.10
N THR B 95 -26.96 -13.71 -12.18
CA THR B 95 -25.65 -14.29 -12.46
C THR B 95 -25.26 -15.31 -11.39
N PHE B 96 -24.79 -16.48 -11.84
CA PHE B 96 -24.18 -17.52 -11.02
C PHE B 96 -22.72 -17.61 -11.44
N GLN B 97 -21.81 -17.28 -10.53
CA GLN B 97 -20.40 -17.18 -10.89
C GLN B 97 -19.84 -18.49 -11.43
N GLN B 98 -19.03 -18.39 -12.48
CA GLN B 98 -18.40 -19.52 -13.14
C GLN B 98 -16.88 -19.44 -13.03
N HIS B 99 -16.21 -20.59 -13.16
CA HIS B 99 -14.77 -20.65 -13.05
C HIS B 99 -14.09 -19.85 -14.16
N VAL B 100 -13.03 -19.16 -13.80
CA VAL B 100 -12.12 -18.62 -14.80
C VAL B 100 -10.71 -19.01 -14.41
N PRO B 101 -10.04 -19.85 -15.19
CA PRO B 101 -8.61 -20.08 -14.98
C PRO B 101 -7.82 -18.89 -15.45
N VAL B 102 -6.75 -18.56 -14.73
CA VAL B 102 -5.86 -17.49 -15.13
C VAL B 102 -4.46 -18.04 -15.23
N LEU B 103 -3.95 -18.15 -16.45
CA LEU B 103 -2.66 -18.81 -16.68
C LEU B 103 -1.52 -17.81 -16.65
N MET B 104 -0.42 -18.25 -16.03
CA MET B 104 0.79 -17.45 -15.83
C MET B 104 1.94 -18.07 -16.63
N TYR B 105 2.39 -17.36 -17.65
CA TYR B 105 3.60 -17.73 -18.35
C TYR B 105 4.68 -16.71 -18.02
N HIS B 106 5.92 -17.01 -18.43
CA HIS B 106 7.01 -16.03 -18.29
C HIS B 106 7.76 -15.94 -19.59
N ALA B 107 8.64 -16.88 -19.87
CA ALA B 107 9.39 -16.86 -21.11
C ALA B 107 8.74 -17.79 -22.13
N ILE B 108 8.66 -17.34 -23.38
CA ILE B 108 8.25 -18.22 -24.47
C ILE B 108 9.48 -18.46 -25.31
N GLU B 109 10.34 -19.37 -24.84
CA GLU B 109 11.62 -19.65 -25.44
C GLU B 109 12.02 -21.03 -24.96
N LYS B 110 12.85 -21.73 -25.73
CA LYS B 110 13.46 -22.95 -25.24
C LYS B 110 14.52 -22.56 -24.22
N PHE B 111 14.59 -23.30 -23.13
CA PHE B 111 15.51 -22.90 -22.08
C PHE B 111 16.95 -22.79 -22.57
N PRO B 112 17.60 -21.62 -22.44
CA PRO B 112 19.02 -21.47 -22.79
C PRO B 112 19.96 -21.48 -21.60
N GLY B 113 19.42 -21.64 -20.39
CA GLY B 113 20.01 -21.17 -19.16
C GLY B 113 21.34 -21.72 -18.71
N PRO B 114 21.73 -21.39 -17.45
CA PRO B 114 20.88 -20.68 -16.47
C PRO B 114 20.55 -19.20 -16.80
N SER B 115 21.56 -18.33 -16.93
CA SER B 115 21.40 -16.95 -17.40
C SER B 115 20.22 -16.24 -16.71
N ASP B 116 19.20 -15.85 -17.47
CA ASP B 116 18.04 -15.16 -16.93
C ASP B 116 16.94 -16.16 -16.55
N GLY B 117 16.66 -16.28 -15.26
CA GLY B 117 15.55 -17.07 -14.76
C GLY B 117 15.80 -18.58 -14.70
N ASP B 118 14.93 -19.26 -13.97
CA ASP B 118 14.97 -20.71 -13.82
C ASP B 118 14.54 -21.43 -15.08
N TYR B 119 14.80 -22.75 -15.06
CA TYR B 119 14.29 -23.61 -16.12
C TYR B 119 12.76 -23.54 -16.18
N GLY B 120 12.12 -23.44 -15.02
CA GLY B 120 10.68 -23.37 -14.95
C GLY B 120 10.10 -22.18 -15.69
N LEU B 121 10.90 -21.16 -15.94
CA LEU B 121 10.39 -19.97 -16.59
C LEU B 121 10.20 -20.11 -18.09
N TYR B 122 10.89 -21.05 -18.76
CA TYR B 122 10.98 -21.05 -20.22
C TYR B 122 10.07 -22.12 -20.84
N VAL B 123 8.88 -21.71 -21.27
CA VAL B 123 8.00 -22.58 -22.05
C VAL B 123 8.42 -22.48 -23.51
N PRO B 124 8.75 -23.59 -24.18
CA PRO B 124 9.21 -23.49 -25.56
C PRO B 124 8.09 -23.03 -26.45
N PRO B 125 8.40 -22.30 -27.52
CA PRO B 125 7.36 -21.84 -28.44
C PRO B 125 6.46 -22.96 -28.92
N GLU B 126 7.03 -24.14 -29.13
CA GLU B 126 6.21 -25.25 -29.58
C GLU B 126 5.19 -25.64 -28.52
N GLN B 127 5.61 -25.69 -27.25
CA GLN B 127 4.67 -26.02 -26.18
C GLN B 127 3.59 -24.96 -26.08
N PHE B 128 3.98 -23.70 -26.16
CA PHE B 128 3.00 -22.65 -26.03
C PHE B 128 1.97 -22.73 -27.16
N GLU B 129 2.44 -23.04 -28.37
CA GLU B 129 1.50 -23.14 -29.48
C GLU B 129 0.54 -24.30 -29.27
N LYS B 130 1.02 -25.39 -28.69
CA LYS B 130 0.16 -26.51 -28.38
C LYS B 130 -0.97 -26.06 -27.46
N HIS B 131 -0.62 -25.27 -26.44
CA HIS B 131 -1.62 -24.71 -25.53
C HIS B 131 -2.57 -23.76 -26.26
N MET B 132 -2.03 -22.78 -26.98
CA MET B 132 -2.90 -21.79 -27.60
C MET B 132 -3.82 -22.46 -28.62
N GLN B 133 -3.29 -23.41 -29.37
CA GLN B 133 -4.14 -24.12 -30.33
C GLN B 133 -5.24 -24.88 -29.62
N TYR B 134 -4.93 -25.48 -28.47
CA TYR B 134 -5.95 -26.25 -27.78
C TYR B 134 -7.10 -25.37 -27.35
N LEU B 135 -6.82 -24.18 -26.83
CA LEU B 135 -7.93 -23.29 -26.48
C LEU B 135 -8.75 -22.93 -27.71
N LYS B 136 -8.08 -22.76 -28.85
CA LYS B 136 -8.80 -22.45 -30.08
C LYS B 136 -9.65 -23.63 -30.53
N ASP B 137 -9.15 -24.86 -30.38
CA ASP B 137 -9.88 -26.04 -30.86
C ASP B 137 -11.11 -26.38 -30.04
N ASN B 138 -11.16 -25.97 -28.76
CA ASN B 138 -12.28 -26.31 -27.90
C ASN B 138 -12.98 -25.07 -27.36
N GLY B 139 -13.09 -24.05 -28.20
CA GLY B 139 -14.01 -22.95 -27.99
C GLY B 139 -13.84 -22.17 -26.72
N TYR B 140 -12.60 -21.92 -26.31
CA TYR B 140 -12.35 -21.08 -25.16
C TYR B 140 -12.42 -19.62 -25.60
N THR B 141 -12.87 -18.75 -24.70
CA THR B 141 -12.91 -17.31 -24.94
C THR B 141 -11.82 -16.66 -24.13
N MET B 142 -10.84 -16.08 -24.83
CA MET B 142 -9.73 -15.42 -24.18
C MET B 142 -10.04 -13.99 -23.80
N LEU B 143 -9.85 -13.70 -22.51
CA LEU B 143 -10.20 -12.42 -21.93
C LEU B 143 -8.95 -11.73 -21.40
N THR B 144 -9.08 -10.43 -21.26
CA THR B 144 -8.14 -9.56 -20.56
C THR B 144 -8.98 -8.75 -19.56
N PHE B 145 -8.33 -7.93 -18.74
CA PHE B 145 -9.11 -7.29 -17.70
C PHE B 145 -10.07 -6.23 -18.21
N GLU B 146 -9.82 -5.63 -19.39
CA GLU B 146 -10.80 -4.73 -19.99
C GLU B 146 -12.16 -5.38 -20.17
N ARG B 147 -12.21 -6.71 -20.25
CA ARG B 147 -13.43 -7.48 -20.45
C ARG B 147 -13.73 -8.34 -19.23
N TRP B 148 -13.25 -7.90 -18.07
CA TRP B 148 -13.47 -8.62 -16.82
C TRP B 148 -14.95 -8.94 -16.61
N ASN B 149 -15.83 -8.02 -17.00
CA ASN B 149 -17.26 -8.23 -16.74
C ASN B 149 -17.82 -9.40 -17.52
N ASP B 150 -17.13 -9.87 -18.54
CA ASP B 150 -17.61 -10.91 -19.43
C ASP B 150 -17.27 -12.32 -18.98
N ILE B 151 -16.61 -12.51 -17.83
CA ILE B 151 -16.30 -13.89 -17.43
C ILE B 151 -17.59 -14.69 -17.34
N ASN B 152 -18.69 -14.06 -16.95
CA ASN B 152 -19.99 -14.72 -16.87
C ASN B 152 -20.83 -14.54 -18.12
N ARG B 153 -20.32 -13.84 -19.13
CA ARG B 153 -21.09 -13.55 -20.32
C ARG B 153 -20.67 -14.38 -21.54
N VAL B 154 -19.60 -15.17 -21.43
CA VAL B 154 -19.08 -15.98 -22.54
C VAL B 154 -18.84 -17.41 -22.05
N ASN B 155 -18.69 -18.31 -23.01
CA ASN B 155 -18.44 -19.71 -22.70
C ASN B 155 -16.94 -19.97 -22.57
N LYS B 156 -16.59 -20.79 -21.59
CA LYS B 156 -15.22 -21.24 -21.39
C LYS B 156 -14.25 -20.05 -21.26
N PRO B 157 -14.46 -19.15 -20.32
CA PRO B 157 -13.58 -17.99 -20.21
C PRO B 157 -12.22 -18.38 -19.65
N ILE B 158 -11.19 -17.66 -20.11
CA ILE B 158 -9.83 -17.92 -19.67
C ILE B 158 -8.99 -16.67 -19.87
N PHE B 159 -8.03 -16.47 -18.97
CA PHE B 159 -7.05 -15.39 -19.04
C PHE B 159 -5.65 -15.96 -19.27
N ILE B 160 -4.93 -15.41 -20.25
CA ILE B 160 -3.54 -15.77 -20.53
C ILE B 160 -2.66 -14.58 -20.21
N THR B 161 -1.84 -14.69 -19.18
CA THR B 161 -1.00 -13.59 -18.72
C THR B 161 0.48 -13.94 -18.84
N MET B 162 1.32 -12.92 -18.94
CA MET B 162 2.77 -13.12 -18.95
C MET B 162 3.44 -12.07 -18.06
N ASP B 163 4.35 -12.51 -17.19
CA ASP B 163 5.03 -11.61 -16.25
C ASP B 163 6.46 -11.34 -16.68
N ASP B 164 6.90 -10.08 -16.47
CA ASP B 164 8.26 -9.53 -16.61
C ASP B 164 8.50 -8.83 -17.94
N GLY B 165 7.81 -9.21 -19.01
CA GLY B 165 8.05 -8.58 -20.29
C GLY B 165 9.36 -8.98 -20.95
N ARG B 166 9.64 -10.27 -20.95
CA ARG B 166 10.86 -10.76 -21.60
C ARG B 166 10.75 -10.71 -23.11
N LYS B 167 11.86 -10.31 -23.76
CA LYS B 167 11.83 -10.12 -25.21
C LYS B 167 11.36 -11.37 -25.92
N ASN B 168 11.63 -12.55 -25.35
CA ASN B 168 11.20 -13.79 -25.97
C ASN B 168 9.68 -13.93 -26.00
N ASN B 169 8.97 -13.02 -25.33
CA ASN B 169 7.50 -12.98 -25.40
C ASN B 169 6.96 -12.54 -26.76
N MET B 170 7.82 -12.07 -27.68
CA MET B 170 7.29 -11.77 -28.99
C MET B 170 7.07 -13.00 -29.80
N ASN B 171 7.59 -14.14 -29.35
CA ASN B 171 7.21 -15.38 -29.97
C ASN B 171 5.72 -15.63 -29.76
N ALA B 172 5.22 -15.32 -28.58
CA ALA B 172 3.80 -15.49 -28.30
C ALA B 172 2.95 -14.61 -29.22
N LEU B 173 3.37 -13.36 -29.42
CA LEU B 173 2.62 -12.49 -30.34
C LEU B 173 2.49 -13.15 -31.70
N HIS B 174 3.62 -13.59 -32.25
CA HIS B 174 3.58 -14.22 -33.57
C HIS B 174 2.73 -15.48 -33.56
N ILE B 175 2.89 -16.31 -32.54
CA ILE B 175 2.05 -17.50 -32.42
C ILE B 175 0.58 -17.09 -32.37
N LEU B 176 0.25 -16.14 -31.49
CA LEU B 176 -1.14 -15.70 -31.41
C LEU B 176 -1.60 -15.09 -32.72
N GLN B 177 -0.73 -14.29 -33.37
CA GLN B 177 -1.09 -13.67 -34.64
C GLN B 177 -1.41 -14.71 -35.71
N LYS B 178 -0.61 -15.78 -35.80
CA LYS B 178 -0.83 -16.73 -36.88
C LYS B 178 -2.09 -17.56 -36.64
N LEU B 179 -2.39 -17.88 -35.39
CA LEU B 179 -3.64 -18.57 -35.08
C LEU B 179 -4.85 -17.66 -35.08
N LYS B 180 -4.66 -16.34 -35.17
CA LYS B 180 -5.78 -15.41 -35.26
C LYS B 180 -6.61 -15.75 -36.50
N ASP B 181 -7.93 -15.88 -36.30
CA ASP B 181 -8.87 -16.36 -37.31
C ASP B 181 -10.20 -15.62 -37.22
N ASP B 182 -11.07 -15.85 -38.22
CA ASP B 182 -12.46 -15.48 -38.09
C ASP B 182 -13.14 -16.26 -36.97
N THR B 183 -12.62 -17.44 -36.68
CA THR B 183 -13.16 -18.26 -35.60
C THR B 183 -12.50 -17.95 -34.27
N PHE B 184 -11.22 -17.58 -34.29
CA PHE B 184 -10.42 -17.44 -33.07
C PHE B 184 -9.87 -16.02 -32.97
N GLN B 185 -10.24 -15.29 -31.92
CA GLN B 185 -9.70 -13.95 -31.68
C GLN B 185 -8.88 -13.94 -30.40
N PRO B 186 -7.55 -13.99 -30.47
CA PRO B 186 -6.75 -14.22 -29.26
C PRO B 186 -6.47 -12.96 -28.46
N ALA B 187 -6.29 -13.17 -27.16
CA ALA B 187 -5.99 -12.07 -26.25
C ALA B 187 -5.08 -12.53 -25.13
N ALA B 188 -4.18 -11.68 -24.68
CA ALA B 188 -3.33 -12.01 -23.54
C ALA B 188 -2.93 -10.74 -22.80
N THR B 189 -2.39 -10.93 -21.61
CA THR B 189 -1.96 -9.80 -20.79
C THR B 189 -0.46 -9.89 -20.51
N GLU B 190 0.23 -8.75 -20.61
CA GLU B 190 1.65 -8.68 -20.31
C GLU B 190 1.88 -7.75 -19.12
N PHE B 191 2.63 -8.21 -18.13
CA PHE B 191 2.91 -7.40 -16.95
C PHE B 191 4.35 -6.94 -17.05
N LEU B 192 4.56 -5.66 -17.34
CA LEU B 192 5.91 -5.18 -17.57
C LEU B 192 6.52 -4.73 -16.26
N THR B 193 7.78 -5.12 -16.06
CA THR B 193 8.56 -4.50 -15.03
C THR B 193 9.00 -3.16 -15.61
N ALA B 194 8.41 -2.07 -15.11
CA ALA B 194 8.43 -0.80 -15.82
C ALA B 194 9.85 -0.35 -16.12
N ASN B 195 10.72 -0.40 -15.12
CA ASN B 195 12.07 0.11 -15.29
C ASN B 195 13.00 -0.85 -16.03
N GLU B 196 12.49 -1.97 -16.54
CA GLU B 196 13.25 -2.86 -17.39
C GLU B 196 12.86 -2.73 -18.86
N ILE B 197 11.88 -1.89 -19.17
CA ILE B 197 11.52 -1.68 -20.56
C ILE B 197 12.78 -1.16 -21.27
N ASP B 198 12.92 -1.57 -22.52
CA ASP B 198 14.07 -1.37 -23.40
C ASP B 198 15.36 -1.91 -22.81
N LYS B 199 15.28 -2.69 -21.79
CA LYS B 199 16.55 -3.22 -21.35
C LYS B 199 16.89 -4.50 -22.13
N PRO B 200 18.15 -4.92 -22.13
CA PRO B 200 18.50 -6.17 -22.83
C PRO B 200 17.70 -7.35 -22.28
N ASN B 201 17.27 -8.22 -23.18
CA ASN B 201 16.41 -9.39 -22.92
C ASN B 201 15.01 -9.00 -22.47
N ARG B 202 14.62 -7.75 -22.58
CA ARG B 202 13.28 -7.30 -22.32
C ARG B 202 12.70 -6.63 -23.54
N LEU B 203 11.37 -6.62 -23.59
CA LEU B 203 10.65 -6.02 -24.68
C LEU B 203 11.05 -4.56 -24.84
N SER B 204 11.18 -4.13 -26.10
CA SER B 204 11.44 -2.73 -26.40
C SER B 204 10.14 -1.95 -26.49
N THR B 205 10.27 -0.63 -26.62
CA THR B 205 9.11 0.21 -26.86
C THR B 205 8.43 -0.13 -28.19
N ASP B 206 9.20 -0.41 -29.24
CA ASP B 206 8.59 -0.90 -30.47
C ASP B 206 8.01 -2.29 -30.30
N ASP B 207 8.68 -3.14 -29.51
CA ASP B 207 8.14 -4.46 -29.20
C ASP B 207 6.74 -4.32 -28.60
N ILE B 208 6.56 -3.36 -27.69
CA ILE B 208 5.27 -3.16 -27.04
C ILE B 208 4.29 -2.47 -27.97
N LYS B 209 4.74 -1.44 -28.67
CA LYS B 209 3.85 -0.80 -29.62
C LYS B 209 3.30 -1.84 -30.59
N GLN B 210 4.15 -2.80 -30.98
CA GLN B 210 3.72 -3.86 -31.87
C GLN B 210 2.68 -4.79 -31.23
N MET B 211 2.99 -5.31 -30.04
CA MET B 211 2.02 -6.17 -29.33
C MET B 211 0.70 -5.44 -29.09
N MET B 212 0.80 -4.15 -28.77
CA MET B 212 -0.39 -3.37 -28.50
C MET B 212 -1.19 -3.18 -29.80
N ASP B 213 -0.49 -2.90 -30.90
CA ASP B 213 -1.11 -2.60 -32.17
C ASP B 213 -1.68 -3.82 -32.88
N SER B 214 -1.31 -5.02 -32.47
CA SER B 214 -1.92 -6.21 -33.07
C SER B 214 -3.35 -6.39 -32.61
N GLY B 215 -3.76 -5.65 -31.58
CA GLY B 215 -5.04 -5.85 -30.96
C GLY B 215 -5.10 -7.04 -30.02
N ILE B 216 -4.00 -7.75 -29.84
CA ILE B 216 -4.05 -8.99 -29.06
C ILE B 216 -3.73 -8.77 -27.59
N PHE B 217 -2.82 -7.85 -27.27
CA PHE B 217 -2.22 -7.73 -25.94
C PHE B 217 -2.73 -6.53 -25.14
N SER B 218 -2.96 -6.75 -23.85
CA SER B 218 -3.20 -5.68 -22.90
C SER B 218 -1.93 -5.53 -22.05
N ILE B 219 -1.43 -4.30 -21.96
CA ILE B 219 -0.13 -4.01 -21.36
C ILE B 219 -0.35 -3.52 -19.92
N GLN B 220 0.09 -4.31 -18.95
CA GLN B 220 -0.15 -3.87 -17.58
C GLN B 220 1.15 -3.84 -16.77
N SER B 221 1.00 -3.60 -15.49
CA SER B 221 2.14 -3.32 -14.63
C SER B 221 2.57 -4.54 -13.84
N HIS B 222 3.87 -4.73 -13.72
CA HIS B 222 4.47 -5.75 -12.88
C HIS B 222 5.34 -5.11 -11.82
N THR B 223 5.04 -3.85 -11.46
CA THR B 223 5.82 -3.07 -10.51
C THR B 223 6.97 -2.37 -11.24
N ALA B 224 7.58 -1.38 -10.58
CA ALA B 224 8.63 -0.63 -11.26
C ALA B 224 9.92 -1.41 -11.35
N ASN B 225 10.24 -2.21 -10.33
CA ASN B 225 11.52 -2.90 -10.31
C ASN B 225 11.39 -4.34 -9.86
N HIS B 226 10.28 -5.01 -10.15
CA HIS B 226 10.04 -6.38 -9.69
C HIS B 226 10.36 -6.51 -8.20
N THR B 227 9.84 -5.54 -7.44
CA THR B 227 10.02 -5.51 -5.97
C THR B 227 8.97 -6.38 -5.29
N MET B 228 9.35 -7.05 -4.18
CA MET B 228 8.39 -7.87 -3.41
C MET B 228 7.65 -7.01 -2.40
N MET B 229 6.35 -6.85 -2.62
CA MET B 229 5.61 -5.79 -1.93
C MET B 229 5.45 -6.03 -0.42
N ALA B 230 5.44 -7.29 0.01
CA ALA B 230 5.42 -7.54 1.46
C ALA B 230 6.68 -7.02 2.17
N HIS B 231 7.78 -6.78 1.44
CA HIS B 231 9.03 -6.33 2.03
C HIS B 231 9.39 -4.88 1.74
N SER B 232 8.50 -4.11 1.12
CA SER B 232 8.72 -2.70 0.85
C SER B 232 7.49 -1.89 1.28
N ASN B 233 7.70 -0.61 1.58
CA ASN B 233 6.61 0.34 1.74
C ASN B 233 6.80 1.52 0.78
N ASN B 234 7.72 1.38 -0.18
CA ASN B 234 7.91 2.39 -1.23
C ASN B 234 6.84 2.25 -2.31
N TYR B 235 5.59 2.39 -1.86
CA TYR B 235 4.41 2.19 -2.70
C TYR B 235 4.35 3.18 -3.85
N ASP B 236 4.65 4.45 -3.58
CA ASP B 236 4.44 5.49 -4.57
C ASP B 236 5.20 5.18 -5.86
N GLU B 237 6.48 4.82 -5.74
CA GLU B 237 7.27 4.52 -6.93
C GLU B 237 6.82 3.23 -7.60
N GLU B 238 6.67 2.16 -6.81
CA GLU B 238 6.47 0.83 -7.35
C GLU B 238 5.06 0.64 -7.91
N LEU B 239 4.05 1.24 -7.27
CA LEU B 239 2.70 1.10 -7.78
C LEU B 239 2.30 2.31 -8.65
N ARG B 240 2.34 3.52 -8.11
CA ARG B 240 1.86 4.64 -8.91
C ARG B 240 2.80 4.95 -10.07
N GLY B 241 4.10 5.10 -9.80
CA GLY B 241 5.03 5.49 -10.84
C GLY B 241 5.13 4.45 -11.94
N SER B 242 5.14 3.17 -11.56
CA SER B 242 5.07 2.08 -12.51
C SER B 242 3.93 2.26 -13.50
N LYS B 243 2.70 2.43 -12.99
CA LYS B 243 1.51 2.64 -13.81
C LYS B 243 1.67 3.87 -14.71
N GLU B 244 2.19 4.94 -14.13
CA GLU B 244 2.34 6.17 -14.89
C GLU B 244 3.39 6.01 -15.97
N LYS B 245 4.48 5.32 -15.66
CA LYS B 245 5.51 5.11 -16.68
C LYS B 245 4.94 4.32 -17.86
N ILE B 246 4.30 3.19 -17.58
CA ILE B 246 3.77 2.35 -18.65
C ILE B 246 2.64 3.05 -19.40
N GLU B 247 1.74 3.72 -18.67
CA GLU B 247 0.65 4.48 -19.31
C GLU B 247 1.18 5.54 -20.26
N ALA B 248 2.24 6.23 -19.84
CA ALA B 248 2.85 7.24 -20.69
C ALA B 248 3.41 6.62 -21.96
N LEU B 249 3.86 5.38 -21.88
CA LEU B 249 4.38 4.69 -23.04
C LEU B 249 3.25 4.23 -23.94
N THR B 250 2.37 3.38 -23.41
CA THR B 250 1.33 2.74 -24.21
C THR B 250 0.33 3.74 -24.78
N GLY B 251 -0.02 4.76 -24.01
CA GLY B 251 -1.16 5.57 -24.31
C GLY B 251 -2.48 4.95 -23.90
N LYS B 252 -2.46 3.79 -23.26
CA LYS B 252 -3.67 3.12 -22.87
C LYS B 252 -3.66 3.00 -21.36
N LYS B 253 -4.85 2.94 -20.77
CA LYS B 253 -4.96 2.93 -19.32
C LYS B 253 -4.40 1.63 -18.77
N VAL B 254 -3.71 1.75 -17.65
CA VAL B 254 -3.15 0.61 -16.93
C VAL B 254 -4.03 0.38 -15.73
N ILE B 255 -4.68 -0.78 -15.67
CA ILE B 255 -5.67 -1.08 -14.64
C ILE B 255 -5.37 -2.33 -13.83
N ALA B 256 -4.36 -3.12 -14.19
CA ALA B 256 -4.06 -4.35 -13.48
C ALA B 256 -2.60 -4.40 -13.05
N LEU B 257 -2.35 -5.12 -11.96
CA LEU B 257 -1.01 -5.34 -11.43
C LEU B 257 -0.79 -6.81 -11.13
N ALA B 258 0.47 -7.26 -11.21
CA ALA B 258 0.85 -8.61 -10.82
C ALA B 258 1.98 -8.56 -9.78
N TYR B 259 1.71 -9.03 -8.59
CA TYR B 259 2.70 -8.86 -7.51
C TYR B 259 3.96 -9.65 -7.84
N PRO B 260 5.12 -9.02 -7.92
CA PRO B 260 6.34 -9.80 -8.18
C PRO B 260 6.50 -10.88 -7.14
N VAL B 261 6.87 -12.08 -7.60
CA VAL B 261 7.17 -13.24 -6.77
C VAL B 261 5.93 -13.59 -5.97
N GLY B 262 4.80 -13.04 -6.39
CA GLY B 262 3.52 -13.26 -5.74
C GLY B 262 3.34 -12.64 -4.37
N SER B 263 4.26 -11.78 -3.92
CA SER B 263 4.27 -11.32 -2.53
C SER B 263 3.27 -10.19 -2.29
N TYR B 264 2.49 -10.31 -1.22
CA TYR B 264 1.59 -9.22 -0.85
C TYR B 264 1.29 -9.34 0.64
N ASN B 265 0.78 -8.25 1.19
CA ASN B 265 0.27 -8.25 2.55
C ASN B 265 -0.80 -7.18 2.61
N ASP B 266 -1.33 -6.95 3.80
CA ASP B 266 -2.44 -6.00 3.91
C ASP B 266 -2.06 -4.62 3.40
N PRO B 267 -0.97 -3.97 3.86
CA PRO B 267 -0.72 -2.60 3.39
C PRO B 267 -0.49 -2.54 1.90
N ALA B 268 0.15 -3.55 1.31
CA ALA B 268 0.39 -3.54 -0.12
C ALA B 268 -0.92 -3.70 -0.91
N VAL B 269 -1.88 -4.49 -0.40
CA VAL B 269 -3.19 -4.58 -1.03
C VAL B 269 -3.93 -3.26 -0.93
N GLU B 270 -3.94 -2.68 0.26
CA GLU B 270 -4.62 -1.41 0.48
C GLU B 270 -4.12 -0.33 -0.47
N GLU B 271 -2.81 -0.29 -0.70
CA GLU B 271 -2.24 0.72 -1.59
C GLU B 271 -2.49 0.37 -3.04
N THR B 272 -2.39 -0.92 -3.39
CA THR B 272 -2.71 -1.36 -4.75
C THR B 272 -4.10 -0.91 -5.11
N LYS B 273 -5.04 -1.09 -4.16
CA LYS B 273 -6.43 -0.75 -4.34
C LYS B 273 -6.59 0.68 -4.83
N LYS B 274 -5.70 1.57 -4.39
CA LYS B 274 -5.80 2.98 -4.68
C LYS B 274 -5.43 3.31 -6.12
N TYR B 275 -4.63 2.47 -6.78
CA TYR B 275 -4.08 2.76 -8.09
C TYR B 275 -4.53 1.81 -9.20
N TYR B 276 -5.03 0.64 -8.84
CA TYR B 276 -5.33 -0.43 -9.77
C TYR B 276 -6.75 -0.93 -9.53
N GLU B 277 -7.36 -1.42 -10.59
CA GLU B 277 -8.66 -2.07 -10.47
C GLU B 277 -8.55 -3.56 -10.18
N PHE B 278 -7.45 -4.18 -10.60
CA PHE B 278 -7.24 -5.60 -10.41
C PHE B 278 -5.82 -5.86 -9.97
N ALA B 279 -5.64 -6.94 -9.24
CA ALA B 279 -4.31 -7.43 -8.90
C ALA B 279 -4.37 -8.93 -8.95
N VAL B 280 -3.29 -9.54 -9.40
CA VAL B 280 -3.27 -10.97 -9.63
C VAL B 280 -2.04 -11.53 -8.93
N THR B 281 -2.15 -12.74 -8.38
CA THR B 281 -1.16 -13.35 -7.50
C THR B 281 -0.56 -14.63 -8.11
N THR B 282 0.25 -15.34 -7.33
CA THR B 282 0.71 -16.68 -7.68
C THR B 282 0.07 -17.73 -6.77
N ASP B 283 -1.03 -17.37 -6.13
CA ASP B 283 -1.78 -18.34 -5.37
C ASP B 283 -2.46 -19.31 -6.32
N HIS B 284 -2.29 -20.62 -6.10
CA HIS B 284 -2.75 -21.60 -7.08
C HIS B 284 -4.27 -21.75 -7.06
N GLY B 285 -4.84 -21.99 -8.22
CA GLY B 285 -6.25 -22.31 -8.36
C GLY B 285 -6.91 -21.43 -9.40
N ASN B 286 -8.19 -21.73 -9.63
CA ASN B 286 -9.06 -20.96 -10.51
C ASN B 286 -9.57 -19.75 -9.77
N HIS B 287 -9.91 -18.72 -10.52
CA HIS B 287 -10.55 -17.57 -9.93
C HIS B 287 -12.07 -17.71 -10.01
N ILE B 288 -12.73 -17.46 -8.89
CA ILE B 288 -14.17 -17.31 -8.85
C ILE B 288 -14.45 -16.09 -8.01
N THR B 289 -15.50 -15.36 -8.37
CA THR B 289 -15.92 -14.18 -7.65
C THR B 289 -16.86 -14.61 -6.52
N LYS B 290 -16.34 -14.76 -5.30
CA LYS B 290 -17.16 -15.22 -4.17
C LYS B 290 -17.81 -14.10 -3.36
N GLY B 291 -17.49 -12.84 -3.62
CA GLY B 291 -17.97 -11.77 -2.75
C GLY B 291 -17.04 -11.45 -1.60
N MET B 292 -15.84 -12.04 -1.56
CA MET B 292 -14.89 -11.74 -0.52
C MET B 292 -14.34 -10.32 -0.69
N PRO B 293 -13.97 -9.66 0.40
CA PRO B 293 -13.44 -8.30 0.28
C PRO B 293 -12.08 -8.33 -0.40
N ASN B 294 -11.87 -7.36 -1.29
CA ASN B 294 -10.63 -7.18 -2.02
C ASN B 294 -10.29 -8.37 -2.90
N GLU B 295 -11.23 -9.28 -3.16
CA GLU B 295 -10.81 -10.48 -3.88
C GLU B 295 -10.33 -10.18 -5.29
N GLN B 296 -10.76 -9.07 -5.89
CA GLN B 296 -10.24 -8.80 -7.23
C GLN B 296 -8.80 -8.29 -7.20
N TYR B 297 -8.20 -8.17 -6.02
CA TYR B 297 -6.79 -7.87 -5.83
C TYR B 297 -6.03 -9.07 -5.30
N LEU B 298 -6.65 -10.25 -5.28
CA LEU B 298 -6.01 -11.47 -4.81
C LEU B 298 -6.29 -12.61 -5.78
N ILE B 299 -6.37 -12.29 -7.06
CA ILE B 299 -6.80 -13.27 -8.03
C ILE B 299 -5.80 -14.38 -8.09
N LYS B 300 -6.31 -15.61 -8.13
CA LYS B 300 -5.50 -16.81 -8.14
C LYS B 300 -5.06 -17.11 -9.56
N ARG B 301 -3.82 -17.58 -9.71
CA ARG B 301 -3.31 -17.95 -11.03
C ARG B 301 -2.74 -19.35 -11.00
N HIS B 302 -2.66 -19.95 -12.20
CA HIS B 302 -2.10 -21.26 -12.41
C HIS B 302 -0.73 -21.14 -13.04
N PHE B 303 0.24 -21.88 -12.51
CA PHE B 303 1.57 -21.88 -13.07
C PHE B 303 1.65 -22.92 -14.19
N VAL B 304 2.06 -22.48 -15.38
CA VAL B 304 2.27 -23.34 -16.56
C VAL B 304 3.74 -23.22 -16.96
N GLY B 305 4.41 -24.36 -17.11
CA GLY B 305 5.82 -24.35 -17.41
C GLY B 305 6.30 -25.54 -18.22
N PRO B 306 7.62 -25.64 -18.40
CA PRO B 306 8.16 -26.71 -19.26
C PRO B 306 7.74 -28.10 -18.85
N ASN B 307 7.58 -28.36 -17.56
CA ASN B 307 7.23 -29.68 -17.05
C ASN B 307 5.74 -29.84 -16.81
N THR B 308 4.92 -28.92 -17.30
CA THR B 308 3.48 -29.09 -17.25
C THR B 308 3.07 -30.00 -18.40
N SER B 309 2.57 -31.20 -18.08
CA SER B 309 2.08 -32.09 -19.11
C SER B 309 0.91 -31.47 -19.82
N MET B 310 0.72 -31.88 -21.06
CA MET B 310 -0.54 -31.52 -21.70
C MET B 310 -1.71 -32.03 -20.87
N GLU B 311 -1.55 -33.23 -20.29
CA GLU B 311 -2.62 -33.75 -19.44
C GLU B 311 -2.86 -32.84 -18.24
N LYS B 312 -1.78 -32.33 -17.65
CA LYS B 312 -1.88 -31.40 -16.53
C LYS B 312 -2.48 -30.07 -16.99
N PHE B 313 -1.99 -29.54 -18.13
CA PHE B 313 -2.54 -28.33 -18.71
C PHE B 313 -4.05 -28.44 -18.88
N ILE B 314 -4.53 -29.57 -19.41
CA ILE B 314 -5.96 -29.70 -19.64
C ILE B 314 -6.72 -29.75 -18.33
N SER B 315 -6.23 -30.50 -17.35
CA SER B 315 -6.91 -30.47 -16.05
C SER B 315 -6.90 -29.08 -15.46
N LEU B 316 -5.87 -28.27 -15.75
CA LEU B 316 -5.87 -26.92 -15.21
C LEU B 316 -7.03 -26.11 -15.77
N ILE B 317 -7.21 -26.15 -17.09
CA ILE B 317 -8.17 -25.27 -17.75
C ILE B 317 -9.51 -25.97 -17.96
N LYS B 318 -9.75 -27.09 -17.31
CA LYS B 318 -11.05 -27.75 -17.39
C LYS B 318 -12.00 -26.95 -16.51
#